data_3I62
#
_entry.id   3I62
#
_cell.length_a   88.826
_cell.length_b   126.111
_cell.length_c   55.770
_cell.angle_alpha   90.00
_cell.angle_beta   90.00
_cell.angle_gamma   90.00
#
_symmetry.space_group_name_H-M   'P 21 21 2'
#
loop_
_entity.id
_entity.type
_entity.pdbx_description
1 polymer 'ATP-dependent RNA helicase MSS116'
2 polymer "5'-R(*UP*UP*UP*UP*UP*UP*UP*UP*UP*U)-3'"
3 non-polymer "ADENOSINE-5'-DIPHOSPHATE"
4 non-polymer 'TETRAFLUOROALUMINATE ION'
5 non-polymer 'MAGNESIUM ION'
6 water water
#
loop_
_entity_poly.entity_id
_entity_poly.type
_entity_poly.pdbx_seq_one_letter_code
_entity_poly.pdbx_strand_id
1 'polypeptide(L)'
;GSLYNDGNRDQRNFGRNQRNNNSNRYRNSRFNSRPRTRSREDDDEVHFDKTTFSKLIHVPKEDNSKEVTLDSLLEEGVLD
KEIHKAITRMEFPGLTPVQQKTIKPILSSEDHDVIARAKTGTGKTFAFLIPIFQHLINTKFDSQYMVKAVIVAPTRDLAL
QIEAEVKKIHDMNYGLKKYACVSLVGGTDFRAAMNKMNKLRPNIVIATPGRLIDVLEKYSNKFFRFVDYKVLDEADRLLE
IGFRDDLETISGILNEKNSKSADNIKTLLFSATLDDKVQKLANNIMNKKECLFLDTVDKNEPEAHERIDQSVVISEKFAN
SIFAAVEHIKKQIKERDSNYKAIIFAPTVKFTSFLCSILKNEFKKDLPILEFHGKITQNKRTSLVKRFKKDESGILVCTD
VGARGMDFPNVHEVLQIGVPSELANYIHRIGRTARSGKEGSSVLFICKDELPFVRELEDAKNIVIAKQEKYEPSEEIKSE
VLEAVTEEPEDISDIVISLISSYRSCIKEYRFSERRILPEIASTYGVLLNDPQLKIPVSRRFLDKLGLSRSPIGKAMFEI
RDY
;
A
2 'polyribonucleotide' UUUUUUUUUU B
#
# COMPACT_ATOMS: atom_id res chain seq x y z
N SER A 54 6.03 -23.26 16.19
CA SER A 54 6.65 -23.84 14.96
C SER A 54 8.05 -23.26 14.72
N LYS A 55 8.90 -24.05 14.07
CA LYS A 55 10.32 -23.74 13.93
C LYS A 55 10.58 -22.73 12.81
N LEU A 56 11.09 -21.55 13.18
CA LEU A 56 11.44 -20.51 12.22
C LEU A 56 12.86 -20.73 11.71
N ILE A 57 13.02 -20.81 10.39
CA ILE A 57 14.34 -21.02 9.77
C ILE A 57 14.76 -19.78 8.99
N HIS A 58 15.77 -19.08 9.52
CA HIS A 58 16.31 -17.89 8.88
C HIS A 58 17.24 -18.23 7.72
N VAL A 59 16.99 -17.62 6.57
CA VAL A 59 17.93 -17.65 5.46
C VAL A 59 18.30 -16.19 5.12
N PRO A 60 19.34 -15.67 5.78
CA PRO A 60 19.69 -14.26 5.62
C PRO A 60 20.27 -13.91 4.24
N LYS A 61 20.40 -12.61 3.98
CA LYS A 61 20.94 -12.10 2.72
C LYS A 61 22.36 -12.62 2.49
N GLU A 62 22.64 -13.04 1.26
CA GLU A 62 23.96 -13.57 0.89
C GLU A 62 24.52 -12.81 -0.32
N ASP A 63 25.80 -12.43 -0.24
CA ASP A 63 26.45 -11.66 -1.29
C ASP A 63 26.85 -12.53 -2.48
N ASN A 64 27.68 -13.54 -2.22
CA ASN A 64 28.27 -14.37 -3.26
C ASN A 64 27.59 -15.72 -3.43
N SER A 65 26.28 -15.70 -3.64
CA SER A 65 25.50 -16.91 -3.94
C SER A 65 25.22 -16.99 -5.45
N LYS A 66 25.08 -18.22 -5.96
CA LYS A 66 24.97 -18.45 -7.41
C LYS A 66 23.68 -17.87 -7.98
N GLU A 67 23.80 -17.18 -9.10
CA GLU A 67 22.65 -16.54 -9.73
C GLU A 67 21.66 -17.59 -10.23
N VAL A 68 20.40 -17.43 -9.84
CA VAL A 68 19.32 -18.27 -10.34
C VAL A 68 18.67 -17.55 -11.51
N THR A 69 18.43 -18.27 -12.60
CA THR A 69 17.79 -17.71 -13.79
C THR A 69 16.59 -18.55 -14.18
N LEU A 70 15.78 -18.02 -15.09
CA LEU A 70 14.67 -18.77 -15.68
C LEU A 70 15.19 -20.05 -16.35
N ASP A 71 16.29 -19.92 -17.10
CA ASP A 71 16.93 -21.06 -17.76
C ASP A 71 17.41 -22.11 -16.74
N SER A 72 18.11 -21.66 -15.70
CA SER A 72 18.64 -22.58 -14.70
C SER A 72 17.52 -23.34 -13.99
N LEU A 73 16.41 -22.66 -13.70
CA LEU A 73 15.25 -23.30 -13.08
C LEU A 73 14.55 -24.29 -14.05
N LEU A 74 14.53 -23.95 -15.33
CA LEU A 74 14.00 -24.86 -16.36
C LEU A 74 14.85 -26.11 -16.45
N GLU A 75 16.17 -25.91 -16.60
CA GLU A 75 17.14 -27.00 -16.68
C GLU A 75 17.11 -27.92 -15.46
N GLU A 76 16.89 -27.33 -14.28
CA GLU A 76 16.84 -28.06 -13.02
C GLU A 76 15.52 -28.83 -12.81
N GLY A 77 14.52 -28.55 -13.63
CA GLY A 77 13.21 -29.21 -13.51
C GLY A 77 12.25 -28.55 -12.53
N VAL A 78 12.61 -27.37 -12.04
CA VAL A 78 11.75 -26.63 -11.11
C VAL A 78 10.61 -25.94 -11.87
N LEU A 79 10.94 -25.30 -13.00
CA LEU A 79 9.93 -24.67 -13.84
C LEU A 79 9.67 -25.46 -15.12
N ASP A 80 8.40 -25.48 -15.52
CA ASP A 80 7.97 -26.08 -16.77
C ASP A 80 8.24 -25.10 -17.90
N LYS A 81 8.36 -25.60 -19.12
CA LYS A 81 8.60 -24.77 -20.30
C LYS A 81 7.52 -23.70 -20.53
N GLU A 82 6.27 -24.01 -20.18
CA GLU A 82 5.17 -23.08 -20.47
C GLU A 82 5.22 -21.80 -19.63
N ILE A 83 5.61 -21.91 -18.37
CA ILE A 83 5.77 -20.73 -17.50
C ILE A 83 7.10 -20.02 -17.81
N HIS A 84 8.14 -20.80 -18.11
CA HIS A 84 9.42 -20.24 -18.58
C HIS A 84 9.22 -19.34 -19.80
N LYS A 85 8.44 -19.84 -20.75
CA LYS A 85 8.10 -19.11 -21.97
C LYS A 85 7.40 -17.78 -21.67
N ALA A 86 6.38 -17.82 -20.81
CA ALA A 86 5.60 -16.62 -20.48
C ALA A 86 6.46 -15.51 -19.89
N ILE A 87 7.29 -15.86 -18.92
CA ILE A 87 8.12 -14.87 -18.22
C ILE A 87 9.30 -14.40 -19.08
N THR A 88 9.93 -15.32 -19.80
CA THR A 88 11.00 -14.97 -20.75
C THR A 88 10.54 -13.90 -21.74
N ARG A 89 9.30 -14.03 -22.23
CA ARG A 89 8.74 -13.08 -23.20
C ARG A 89 8.49 -11.68 -22.63
N MET A 90 8.51 -11.52 -21.31
CA MET A 90 8.44 -10.19 -20.69
C MET A 90 9.77 -9.43 -20.80
N GLU A 91 10.84 -10.16 -21.12
CA GLU A 91 12.15 -9.57 -21.43
C GLU A 91 12.76 -8.76 -20.28
N PHE A 92 12.66 -9.29 -19.07
CA PHE A 92 13.36 -8.72 -17.92
C PHE A 92 14.85 -9.07 -18.03
N PRO A 93 15.73 -8.14 -17.61
CA PRO A 93 17.18 -8.41 -17.67
C PRO A 93 17.55 -9.74 -17.01
N GLY A 94 17.01 -9.97 -15.83
CA GLY A 94 17.10 -11.25 -15.15
C GLY A 94 15.99 -11.35 -14.12
N LEU A 95 16.05 -12.36 -13.26
CA LEU A 95 15.15 -12.46 -12.12
C LEU A 95 15.66 -11.55 -11.00
N THR A 96 14.73 -10.89 -10.30
CA THR A 96 15.11 -10.02 -9.18
C THR A 96 15.60 -10.90 -8.04
N PRO A 97 16.32 -10.30 -7.06
CA PRO A 97 16.83 -11.10 -5.95
C PRO A 97 15.76 -11.89 -5.19
N VAL A 98 14.61 -11.29 -4.91
CA VAL A 98 13.54 -12.00 -4.19
C VAL A 98 12.98 -13.15 -5.02
N GLN A 99 12.92 -12.96 -6.34
CA GLN A 99 12.48 -14.03 -7.26
C GLN A 99 13.47 -15.20 -7.27
N GLN A 100 14.77 -14.89 -7.33
CA GLN A 100 15.82 -15.90 -7.27
C GLN A 100 15.76 -16.70 -5.96
N LYS A 101 15.46 -16.01 -4.86
CA LYS A 101 15.48 -16.63 -3.54
C LYS A 101 14.24 -17.47 -3.19
N THR A 102 13.07 -17.14 -3.76
CA THR A 102 11.81 -17.72 -3.30
C THR A 102 11.18 -18.80 -4.19
N ILE A 103 11.43 -18.75 -5.49
CA ILE A 103 10.71 -19.61 -6.43
C ILE A 103 10.87 -21.09 -6.11
N LYS A 104 12.11 -21.56 -5.95
CA LYS A 104 12.37 -22.97 -5.68
C LYS A 104 11.87 -23.42 -4.29
N PRO A 105 12.20 -22.67 -3.21
CA PRO A 105 11.66 -23.02 -1.90
C PRO A 105 10.13 -23.10 -1.83
N ILE A 106 9.44 -22.17 -2.48
CA ILE A 106 7.97 -22.20 -2.49
C ILE A 106 7.46 -23.50 -3.14
N LEU A 107 8.15 -23.96 -4.17
CA LEU A 107 7.77 -25.18 -4.90
C LEU A 107 8.29 -26.47 -4.26
N SER A 108 9.17 -26.35 -3.27
CA SER A 108 9.75 -27.53 -2.61
C SER A 108 8.69 -28.45 -2.00
N SER A 109 8.98 -29.73 -1.97
CA SER A 109 8.08 -30.72 -1.37
C SER A 109 8.20 -30.73 0.17
N GLU A 110 9.05 -29.88 0.72
CA GLU A 110 9.17 -29.70 2.17
C GLU A 110 7.86 -29.17 2.75
N ASP A 111 7.51 -29.69 3.92
CA ASP A 111 6.26 -29.32 4.58
C ASP A 111 6.45 -28.01 5.35
N HIS A 112 6.51 -26.89 4.62
CA HIS A 112 6.77 -25.60 5.27
C HIS A 112 6.00 -24.40 4.70
N ASP A 113 5.85 -23.39 5.55
CA ASP A 113 5.35 -22.08 5.16
C ASP A 113 6.53 -21.20 4.77
N VAL A 114 6.25 -20.07 4.13
CA VAL A 114 7.31 -19.17 3.68
C VAL A 114 7.00 -17.71 4.02
N ILE A 115 8.00 -17.03 4.59
CA ILE A 115 7.96 -15.58 4.77
C ILE A 115 9.08 -14.98 3.92
N ALA A 116 8.75 -13.94 3.16
CA ALA A 116 9.73 -13.30 2.29
C ALA A 116 9.74 -11.80 2.48
N ARG A 117 10.93 -11.23 2.65
CA ARG A 117 11.10 -9.78 2.73
C ARG A 117 12.00 -9.29 1.60
N ALA A 118 11.53 -8.27 0.90
CA ALA A 118 12.27 -7.64 -0.17
C ALA A 118 11.76 -6.23 -0.35
N LYS A 119 12.66 -5.34 -0.75
CA LYS A 119 12.37 -3.91 -0.81
C LYS A 119 11.28 -3.59 -1.83
N THR A 120 10.72 -2.39 -1.68
CA THR A 120 9.67 -1.89 -2.54
C THR A 120 10.08 -1.95 -4.01
N GLY A 121 9.16 -2.37 -4.86
CA GLY A 121 9.34 -2.36 -6.31
C GLY A 121 10.32 -3.36 -6.88
N THR A 122 10.65 -4.41 -6.13
CA THR A 122 11.67 -5.38 -6.56
C THR A 122 11.08 -6.73 -7.01
N GLY A 123 9.81 -6.74 -7.35
CA GLY A 123 9.20 -7.87 -8.04
C GLY A 123 8.66 -8.99 -7.16
N LYS A 124 8.17 -8.65 -5.98
CA LYS A 124 7.54 -9.65 -5.10
C LYS A 124 6.30 -10.32 -5.74
N THR A 125 5.57 -9.60 -6.59
CA THR A 125 4.37 -10.17 -7.20
C THR A 125 4.67 -11.44 -7.99
N PHE A 126 5.60 -11.34 -8.95
CA PHE A 126 5.98 -12.53 -9.75
C PHE A 126 6.70 -13.58 -8.91
N ALA A 127 7.34 -13.16 -7.82
CA ALA A 127 7.97 -14.09 -6.88
C ALA A 127 6.96 -15.12 -6.31
N PHE A 128 5.70 -14.74 -6.13
CA PHE A 128 4.67 -15.73 -5.77
C PHE A 128 3.82 -16.25 -6.94
N LEU A 129 3.60 -15.43 -7.97
CA LEU A 129 2.79 -15.86 -9.11
C LEU A 129 3.46 -16.96 -9.95
N ILE A 130 4.77 -16.86 -10.12
CA ILE A 130 5.52 -17.86 -10.90
C ILE A 130 5.42 -19.27 -10.29
N PRO A 131 5.75 -19.44 -9.00
CA PRO A 131 5.61 -20.76 -8.41
C PRO A 131 4.16 -21.24 -8.28
N ILE A 132 3.22 -20.32 -8.13
CA ILE A 132 1.80 -20.69 -8.11
C ILE A 132 1.42 -21.33 -9.43
N PHE A 133 1.76 -20.68 -10.55
CA PHE A 133 1.50 -21.23 -11.87
C PHE A 133 2.17 -22.61 -12.03
N GLN A 134 3.40 -22.74 -11.56
CA GLN A 134 4.09 -24.02 -11.63
C GLN A 134 3.35 -25.11 -10.86
N HIS A 135 2.87 -24.78 -9.67
CA HIS A 135 2.08 -25.74 -8.89
C HIS A 135 0.84 -26.17 -9.67
N LEU A 136 0.18 -25.23 -10.33
CA LEU A 136 -1.02 -25.55 -11.12
C LEU A 136 -0.68 -26.51 -12.27
N ILE A 137 0.49 -26.32 -12.88
CA ILE A 137 0.97 -27.21 -13.94
C ILE A 137 1.32 -28.59 -13.37
N ASN A 138 2.00 -28.61 -12.23
CA ASN A 138 2.37 -29.88 -11.56
C ASN A 138 1.16 -30.76 -11.22
N THR A 139 0.04 -30.11 -10.89
CA THR A 139 -1.17 -30.82 -10.45
C THR A 139 -2.33 -30.64 -11.45
N LYS A 140 -2.01 -30.45 -12.72
CA LYS A 140 -3.01 -30.01 -13.71
C LYS A 140 -4.20 -30.97 -13.92
N PHE A 141 -4.00 -32.26 -13.66
CA PHE A 141 -5.05 -33.25 -13.84
C PHE A 141 -5.85 -33.55 -12.57
N ASP A 142 -5.55 -32.84 -11.49
CA ASP A 142 -6.22 -33.03 -10.20
C ASP A 142 -7.06 -31.80 -9.84
N SER A 143 -8.34 -32.03 -9.53
CA SER A 143 -9.24 -30.96 -9.07
C SER A 143 -9.19 -29.74 -9.99
N GLN A 144 -9.26 -29.97 -11.30
CA GLN A 144 -8.96 -28.93 -12.29
C GLN A 144 -9.97 -27.76 -12.34
N TYR A 145 -11.16 -27.95 -11.76
CA TYR A 145 -12.16 -26.90 -11.69
C TYR A 145 -12.17 -26.15 -10.36
N MET A 146 -11.16 -26.38 -9.53
CA MET A 146 -11.15 -25.89 -8.16
C MET A 146 -10.06 -24.85 -7.90
N VAL A 147 -10.32 -23.99 -6.91
CA VAL A 147 -9.36 -22.96 -6.50
C VAL A 147 -8.21 -23.61 -5.75
N LYS A 148 -6.99 -23.45 -6.26
CA LYS A 148 -5.79 -24.01 -5.64
C LYS A 148 -4.92 -22.97 -4.94
N ALA A 149 -5.08 -21.71 -5.32
CA ALA A 149 -4.31 -20.62 -4.73
C ALA A 149 -5.23 -19.44 -4.43
N VAL A 150 -5.16 -18.94 -3.20
CA VAL A 150 -5.93 -17.77 -2.77
C VAL A 150 -4.94 -16.67 -2.34
N ILE A 151 -5.00 -15.53 -3.02
CA ILE A 151 -4.11 -14.42 -2.75
C ILE A 151 -4.94 -13.28 -2.16
N VAL A 152 -4.54 -12.79 -0.98
CA VAL A 152 -5.28 -11.74 -0.27
C VAL A 152 -4.45 -10.45 -0.23
N ALA A 153 -5.11 -9.31 -0.48
CA ALA A 153 -4.46 -8.00 -0.47
C ALA A 153 -5.29 -7.01 0.36
N PRO A 154 -4.63 -6.01 0.97
CA PRO A 154 -5.34 -5.05 1.84
C PRO A 154 -6.18 -3.98 1.11
N THR A 155 -5.99 -3.78 -0.19
CA THR A 155 -6.84 -2.85 -0.96
C THR A 155 -7.38 -3.51 -2.22
N ARG A 156 -8.53 -3.03 -2.66
CA ARG A 156 -9.18 -3.57 -3.85
C ARG A 156 -8.33 -3.34 -5.09
N ASP A 157 -7.70 -2.17 -5.19
CA ASP A 157 -6.91 -1.83 -6.37
C ASP A 157 -5.67 -2.70 -6.50
N LEU A 158 -5.08 -3.07 -5.37
CA LEU A 158 -3.94 -3.98 -5.36
C LEU A 158 -4.35 -5.40 -5.77
N ALA A 159 -5.47 -5.89 -5.25
CA ALA A 159 -5.98 -7.20 -5.67
C ALA A 159 -6.19 -7.19 -7.19
N LEU A 160 -6.82 -6.12 -7.71
CA LEU A 160 -7.08 -6.01 -9.14
C LEU A 160 -5.79 -5.88 -9.96
N GLN A 161 -4.77 -5.22 -9.41
CA GLN A 161 -3.47 -5.15 -10.07
C GLN A 161 -2.85 -6.54 -10.17
N ILE A 162 -2.91 -7.32 -9.07
CA ILE A 162 -2.35 -8.65 -9.06
C ILE A 162 -3.05 -9.52 -10.12
N GLU A 163 -4.38 -9.40 -10.23
CA GLU A 163 -5.14 -10.05 -11.30
C GLU A 163 -4.64 -9.64 -12.69
N ALA A 164 -4.40 -8.35 -12.88
CA ALA A 164 -3.87 -7.85 -14.16
C ALA A 164 -2.50 -8.46 -14.47
N GLU A 165 -1.71 -8.72 -13.42
CA GLU A 165 -0.39 -9.34 -13.60
C GLU A 165 -0.52 -10.80 -14.00
N VAL A 166 -1.50 -11.49 -13.42
CA VAL A 166 -1.85 -12.85 -13.87
C VAL A 166 -2.25 -12.85 -15.35
N LYS A 167 -3.05 -11.87 -15.77
CA LYS A 167 -3.45 -11.76 -17.17
C LYS A 167 -2.28 -11.50 -18.11
N LYS A 168 -1.28 -10.74 -17.64
CA LYS A 168 -0.05 -10.54 -18.41
C LYS A 168 0.68 -11.86 -18.65
N ILE A 169 0.67 -12.76 -17.66
CA ILE A 169 1.25 -14.09 -17.83
C ILE A 169 0.44 -14.87 -18.88
N HIS A 170 -0.88 -14.82 -18.79
CA HIS A 170 -1.77 -15.43 -19.80
C HIS A 170 -1.50 -14.91 -21.22
N ASP A 171 -1.28 -13.60 -21.35
CA ASP A 171 -1.09 -13.00 -22.68
C ASP A 171 0.26 -13.36 -23.31
N MET A 172 1.25 -13.70 -22.49
CA MET A 172 2.56 -14.09 -23.00
C MET A 172 2.62 -15.58 -23.37
N ASN A 173 1.62 -16.34 -22.92
CA ASN A 173 1.47 -17.74 -23.34
C ASN A 173 0.02 -18.18 -23.17
N TYR A 174 -0.72 -18.19 -24.28
CA TYR A 174 -2.14 -18.55 -24.27
C TYR A 174 -2.41 -19.95 -23.70
N GLY A 175 -1.41 -20.83 -23.74
CA GLY A 175 -1.52 -22.16 -23.12
C GLY A 175 -1.72 -22.14 -21.60
N LEU A 176 -1.47 -20.99 -20.98
CA LEU A 176 -1.67 -20.83 -19.52
C LEU A 176 -3.07 -20.30 -19.15
N LYS A 177 -3.85 -19.90 -20.15
CA LYS A 177 -5.23 -19.43 -19.91
C LYS A 177 -6.14 -20.47 -19.24
N LYS A 178 -5.82 -21.75 -19.41
CA LYS A 178 -6.55 -22.84 -18.75
C LYS A 178 -6.47 -22.76 -17.22
N TYR A 179 -5.45 -22.09 -16.71
CA TYR A 179 -5.32 -21.81 -15.27
C TYR A 179 -5.93 -20.43 -15.03
N ALA A 180 -7.25 -20.42 -14.89
CA ALA A 180 -8.01 -19.19 -14.89
C ALA A 180 -7.96 -18.49 -13.53
N CYS A 181 -8.33 -17.21 -13.54
CA CYS A 181 -8.21 -16.37 -12.36
C CYS A 181 -9.44 -15.47 -12.27
N VAL A 182 -9.94 -15.29 -11.05
CA VAL A 182 -11.06 -14.38 -10.80
C VAL A 182 -10.74 -13.54 -9.58
N SER A 183 -11.06 -12.24 -9.64
CA SER A 183 -10.91 -11.35 -8.49
C SER A 183 -12.23 -11.23 -7.73
N LEU A 184 -12.14 -11.23 -6.41
CA LEU A 184 -13.28 -11.07 -5.52
C LEU A 184 -13.02 -9.87 -4.62
N VAL A 185 -13.54 -8.71 -5.01
CA VAL A 185 -13.31 -7.47 -4.29
C VAL A 185 -14.61 -6.69 -4.09
N GLY A 186 -14.65 -5.88 -3.04
CA GLY A 186 -15.79 -5.02 -2.75
C GLY A 186 -15.94 -3.94 -3.80
N GLY A 187 -17.13 -3.37 -3.87
CA GLY A 187 -17.42 -2.30 -4.83
C GLY A 187 -17.61 -2.81 -6.24
N THR A 188 -17.73 -4.13 -6.39
CA THR A 188 -18.03 -4.75 -7.67
C THR A 188 -19.29 -5.60 -7.51
N ASP A 189 -19.95 -5.91 -8.62
CA ASP A 189 -21.19 -6.67 -8.58
C ASP A 189 -20.93 -8.11 -8.13
N PHE A 190 -21.53 -8.48 -7.00
CA PHE A 190 -21.36 -9.81 -6.42
C PHE A 190 -21.79 -10.91 -7.38
N ARG A 191 -22.98 -10.76 -7.98
CA ARG A 191 -23.54 -11.77 -8.88
C ARG A 191 -22.70 -11.95 -10.14
N ALA A 192 -22.27 -10.84 -10.73
CA ALA A 192 -21.37 -10.88 -11.90
C ALA A 192 -20.07 -11.64 -11.61
N ALA A 193 -19.52 -11.43 -10.42
CA ALA A 193 -18.29 -12.14 -10.01
C ALA A 193 -18.54 -13.64 -9.84
N MET A 194 -19.67 -14.01 -9.23
CA MET A 194 -20.04 -15.42 -9.04
CA MET A 194 -20.01 -15.43 -9.04
C MET A 194 -20.28 -16.11 -10.38
N ASN A 195 -20.89 -15.39 -11.32
CA ASN A 195 -21.08 -15.89 -12.69
C ASN A 195 -19.73 -16.21 -13.32
N LYS A 196 -18.74 -15.37 -13.04
CA LYS A 196 -17.38 -15.58 -13.53
C LYS A 196 -16.69 -16.78 -12.86
N MET A 197 -16.89 -16.95 -11.55
CA MET A 197 -16.42 -18.15 -10.84
C MET A 197 -16.99 -19.43 -11.47
N ASN A 198 -18.29 -19.41 -11.76
CA ASN A 198 -18.97 -20.56 -12.36
C ASN A 198 -18.54 -20.82 -13.80
N LYS A 199 -18.38 -19.75 -14.58
CA LYS A 199 -18.01 -19.86 -15.99
C LYS A 199 -16.56 -20.32 -16.14
N LEU A 200 -15.65 -19.67 -15.41
CA LEU A 200 -14.21 -19.92 -15.57
C LEU A 200 -13.65 -21.03 -14.68
N ARG A 201 -14.35 -21.37 -13.60
CA ARG A 201 -13.85 -22.37 -12.63
C ARG A 201 -12.37 -22.13 -12.34
N PRO A 202 -12.03 -20.97 -11.77
CA PRO A 202 -10.63 -20.56 -11.65
C PRO A 202 -9.79 -21.39 -10.67
N ASN A 203 -8.51 -21.52 -10.97
CA ASN A 203 -7.54 -22.12 -10.05
C ASN A 203 -6.86 -21.09 -9.15
N ILE A 204 -6.99 -19.81 -9.50
CA ILE A 204 -6.41 -18.72 -8.72
C ILE A 204 -7.50 -17.71 -8.39
N VAL A 205 -7.63 -17.36 -7.12
CA VAL A 205 -8.54 -16.31 -6.69
C VAL A 205 -7.72 -15.21 -6.04
N ILE A 206 -8.02 -13.96 -6.39
CA ILE A 206 -7.39 -12.82 -5.76
C ILE A 206 -8.50 -12.02 -5.11
N ALA A 207 -8.27 -11.58 -3.88
CA ALA A 207 -9.36 -11.01 -3.11
C ALA A 207 -8.93 -10.03 -2.03
N THR A 208 -9.87 -9.18 -1.64
CA THR A 208 -9.74 -8.39 -0.43
C THR A 208 -10.53 -9.13 0.67
N PRO A 209 -10.19 -8.88 1.94
CA PRO A 209 -10.74 -9.74 3.01
C PRO A 209 -12.26 -9.72 3.15
N GLY A 210 -12.88 -8.55 3.12
CA GLY A 210 -14.31 -8.43 3.32
C GLY A 210 -15.12 -9.24 2.32
N ARG A 211 -14.86 -9.03 1.04
CA ARG A 211 -15.60 -9.72 -0.01
C ARG A 211 -15.29 -11.22 -0.02
N LEU A 212 -14.05 -11.58 0.30
CA LEU A 212 -13.67 -13.00 0.35
C LEU A 212 -14.47 -13.74 1.41
N ILE A 213 -14.59 -13.16 2.60
CA ILE A 213 -15.39 -13.76 3.67
C ILE A 213 -16.84 -13.91 3.23
N ASP A 214 -17.36 -12.87 2.59
CA ASP A 214 -18.73 -12.85 2.03
C ASP A 214 -18.96 -14.09 1.13
N VAL A 215 -18.03 -14.30 0.19
CA VAL A 215 -18.11 -15.42 -0.74
C VAL A 215 -17.91 -16.76 -0.04
N LEU A 216 -16.92 -16.84 0.85
CA LEU A 216 -16.60 -18.08 1.57
C LEU A 216 -17.75 -18.57 2.46
N GLU A 217 -18.46 -17.65 3.10
CA GLU A 217 -19.58 -18.04 3.95
C GLU A 217 -20.67 -18.76 3.15
N LYS A 218 -20.78 -18.43 1.87
CA LYS A 218 -21.83 -18.96 1.01
C LYS A 218 -21.38 -20.07 0.05
N TYR A 219 -20.12 -20.05 -0.38
CA TYR A 219 -19.68 -20.92 -1.47
C TYR A 219 -18.33 -21.63 -1.24
N SER A 220 -17.90 -21.74 0.02
CA SER A 220 -16.62 -22.40 0.31
C SER A 220 -16.60 -23.86 -0.17
N ASN A 221 -17.71 -24.58 -0.02
CA ASN A 221 -17.77 -25.98 -0.46
C ASN A 221 -17.62 -26.12 -1.97
N LYS A 222 -18.23 -25.22 -2.73
CA LYS A 222 -18.28 -25.36 -4.17
C LYS A 222 -16.92 -25.16 -4.84
N PHE A 223 -16.14 -24.18 -4.37
CA PHE A 223 -14.89 -23.82 -5.03
C PHE A 223 -13.59 -23.98 -4.22
N PHE A 224 -13.68 -24.04 -2.88
CA PHE A 224 -12.51 -23.83 -2.01
C PHE A 224 -12.10 -25.03 -1.14
N ARG A 225 -12.50 -26.25 -1.49
CA ARG A 225 -12.15 -27.42 -0.67
C ARG A 225 -10.81 -28.04 -1.06
N PHE A 226 -10.15 -27.50 -2.09
CA PHE A 226 -8.89 -28.07 -2.59
C PHE A 226 -7.79 -27.01 -2.72
N VAL A 227 -7.83 -26.01 -1.83
CA VAL A 227 -6.81 -24.97 -1.82
C VAL A 227 -5.50 -25.55 -1.28
N ASP A 228 -4.39 -25.24 -1.95
CA ASP A 228 -3.05 -25.69 -1.52
C ASP A 228 -2.16 -24.56 -1.01
N TYR A 229 -2.35 -23.35 -1.53
CA TYR A 229 -1.61 -22.16 -1.10
C TYR A 229 -2.53 -21.01 -0.77
N LYS A 230 -2.18 -20.25 0.26
CA LYS A 230 -2.74 -18.91 0.44
C LYS A 230 -1.60 -17.91 0.61
N VAL A 231 -1.76 -16.75 0.00
CA VAL A 231 -0.75 -15.70 0.03
C VAL A 231 -1.32 -14.47 0.70
N LEU A 232 -0.60 -13.98 1.71
CA LEU A 232 -0.87 -12.65 2.27
C LEU A 232 0.14 -11.68 1.68
N ASP A 233 -0.31 -10.89 0.70
CA ASP A 233 0.52 -9.82 0.16
C ASP A 233 0.37 -8.63 1.09
N GLU A 234 1.44 -7.86 1.26
CA GLU A 234 1.50 -6.83 2.29
C GLU A 234 1.14 -7.45 3.64
N ALA A 235 1.79 -8.57 3.94
CA ALA A 235 1.41 -9.43 5.07
C ALA A 235 1.33 -8.70 6.39
N ASP A 236 2.26 -7.79 6.64
CA ASP A 236 2.28 -7.06 7.92
C ASP A 236 1.02 -6.20 8.07
N ARG A 237 0.58 -5.57 6.98
CA ARG A 237 -0.67 -4.81 6.99
C ARG A 237 -1.88 -5.68 7.29
N LEU A 238 -1.94 -6.86 6.65
CA LEU A 238 -3.06 -7.80 6.82
C LEU A 238 -3.11 -8.46 8.21
N LEU A 239 -2.06 -8.30 9.02
CA LEU A 239 -2.02 -8.86 10.38
C LEU A 239 -2.14 -7.78 11.47
N GLU A 240 -2.38 -6.54 11.06
CA GLU A 240 -2.69 -5.46 12.01
C GLU A 240 -4.15 -5.56 12.44
N ILE A 241 -4.51 -4.80 13.48
CA ILE A 241 -5.88 -4.79 13.99
C ILE A 241 -6.84 -4.32 12.89
N GLY A 242 -7.96 -5.02 12.73
CA GLY A 242 -8.91 -4.69 11.67
C GLY A 242 -8.75 -5.51 10.39
N PHE A 243 -7.60 -6.16 10.21
CA PHE A 243 -7.45 -7.23 9.23
C PHE A 243 -7.14 -8.61 9.85
N ARG A 244 -6.42 -8.63 10.99
CA ARG A 244 -5.97 -9.90 11.57
C ARG A 244 -7.14 -10.86 11.82
N ASP A 245 -8.22 -10.36 12.42
CA ASP A 245 -9.40 -11.18 12.69
C ASP A 245 -10.02 -11.71 11.40
N ASP A 246 -10.05 -10.89 10.35
CA ASP A 246 -10.54 -11.33 9.04
C ASP A 246 -9.67 -12.43 8.46
N LEU A 247 -8.36 -12.27 8.55
CA LEU A 247 -7.45 -13.30 8.03
C LEU A 247 -7.55 -14.60 8.81
N GLU A 248 -7.81 -14.51 10.12
CA GLU A 248 -8.03 -15.70 10.92
C GLU A 248 -9.34 -16.38 10.55
N THR A 249 -10.37 -15.59 10.23
CA THR A 249 -11.64 -16.15 9.76
C THR A 249 -11.48 -16.87 8.42
N ILE A 250 -10.80 -16.20 7.48
CA ILE A 250 -10.55 -16.77 6.17
C ILE A 250 -9.74 -18.06 6.29
N SER A 251 -8.67 -18.01 7.08
CA SER A 251 -7.78 -19.16 7.24
C SER A 251 -8.51 -20.34 7.87
N GLY A 252 -9.32 -20.07 8.89
CA GLY A 252 -10.11 -21.11 9.56
C GLY A 252 -11.10 -21.81 8.62
N ILE A 253 -11.77 -21.05 7.77
CA ILE A 253 -12.72 -21.61 6.82
C ILE A 253 -12.02 -22.49 5.80
N LEU A 254 -10.94 -21.99 5.21
CA LEU A 254 -10.18 -22.74 4.22
C LEU A 254 -9.63 -24.05 4.81
N ASN A 255 -9.09 -23.97 6.03
CA ASN A 255 -8.58 -25.18 6.70
C ASN A 255 -9.67 -26.19 7.03
N GLU A 256 -10.80 -25.71 7.56
CA GLU A 256 -11.93 -26.57 7.90
C GLU A 256 -12.52 -27.26 6.66
N LYS A 257 -12.60 -26.55 5.56
CA LYS A 257 -13.21 -27.08 4.34
C LYS A 257 -12.26 -27.92 3.49
N ASN A 258 -10.96 -27.87 3.76
CA ASN A 258 -9.99 -28.57 2.92
C ASN A 258 -10.23 -30.08 2.92
N SER A 259 -10.26 -30.67 1.72
CA SER A 259 -10.61 -32.08 1.55
C SER A 259 -9.51 -33.04 2.03
N LYS A 260 -8.28 -32.56 2.14
CA LYS A 260 -7.16 -33.41 2.57
C LYS A 260 -6.91 -33.36 4.08
N SER A 261 -6.65 -32.16 4.60
CA SER A 261 -6.45 -31.98 6.04
C SER A 261 -6.48 -30.51 6.45
N ALA A 262 -6.65 -30.28 7.74
CA ALA A 262 -6.67 -28.95 8.32
C ALA A 262 -5.32 -28.23 8.22
N ASP A 263 -4.24 -28.99 8.01
CA ASP A 263 -2.89 -28.41 7.87
C ASP A 263 -2.31 -28.51 6.45
N ASN A 264 -3.15 -28.85 5.47
CA ASN A 264 -2.71 -28.97 4.08
C ASN A 264 -2.15 -27.67 3.50
N ILE A 265 -2.88 -26.58 3.72
CA ILE A 265 -2.57 -25.31 3.07
C ILE A 265 -1.21 -24.74 3.51
N LYS A 266 -0.39 -24.38 2.52
CA LYS A 266 0.87 -23.67 2.75
C LYS A 266 0.59 -22.18 2.65
N THR A 267 1.22 -21.41 3.53
CA THR A 267 0.97 -19.97 3.63
C THR A 267 2.25 -19.20 3.31
N LEU A 268 2.10 -18.21 2.43
CA LEU A 268 3.21 -17.36 1.99
C LEU A 268 2.96 -15.92 2.41
N LEU A 269 3.91 -15.33 3.13
CA LEU A 269 3.82 -13.94 3.56
C LEU A 269 4.87 -13.09 2.84
N PHE A 270 4.42 -12.03 2.19
CA PHE A 270 5.30 -11.12 1.45
C PHE A 270 5.13 -9.68 1.93
N SER A 271 6.24 -9.00 2.21
CA SER A 271 6.22 -7.55 2.41
C SER A 271 7.62 -6.95 2.34
N ALA A 272 7.69 -5.64 2.09
CA ALA A 272 8.93 -4.89 2.25
C ALA A 272 9.22 -4.56 3.72
N THR A 273 8.18 -4.63 4.55
CA THR A 273 8.28 -4.28 5.96
C THR A 273 7.80 -5.44 6.84
N LEU A 274 8.74 -6.27 7.29
CA LEU A 274 8.44 -7.36 8.21
C LEU A 274 9.69 -7.89 8.90
N ASP A 275 9.48 -8.71 9.93
CA ASP A 275 10.58 -9.28 10.72
C ASP A 275 10.09 -10.55 11.43
N ASP A 276 10.80 -10.99 12.46
CA ASP A 276 10.42 -12.19 13.22
C ASP A 276 9.14 -12.03 14.04
N LYS A 277 8.74 -10.79 14.33
CA LYS A 277 7.52 -10.53 15.10
C LYS A 277 6.24 -10.90 14.33
N VAL A 278 6.30 -10.87 13.00
CA VAL A 278 5.10 -11.20 12.19
C VAL A 278 4.74 -12.68 12.31
N GLN A 279 5.73 -13.54 12.50
CA GLN A 279 5.47 -14.97 12.70
C GLN A 279 4.57 -15.18 13.90
N LYS A 280 4.79 -14.40 14.96
CA LYS A 280 3.97 -14.46 16.16
C LYS A 280 2.52 -14.07 15.86
N LEU A 281 2.35 -12.93 15.17
CA LEU A 281 1.04 -12.45 14.78
C LEU A 281 0.32 -13.41 13.83
N ALA A 282 1.08 -14.14 13.01
CA ALA A 282 0.53 -15.06 12.03
C ALA A 282 0.38 -16.49 12.55
N ASN A 283 0.68 -16.69 13.83
CA ASN A 283 0.71 -18.02 14.43
C ASN A 283 -0.57 -18.85 14.19
N ASN A 284 -1.72 -18.20 14.34
CA ASN A 284 -3.01 -18.88 14.17
C ASN A 284 -3.35 -19.21 12.72
N ILE A 285 -2.63 -18.64 11.76
CA ILE A 285 -2.89 -18.91 10.33
C ILE A 285 -1.79 -19.70 9.61
N MET A 286 -0.68 -19.99 10.31
CA MET A 286 0.40 -20.81 9.74
C MET A 286 0.20 -22.26 10.18
N ASN A 287 0.03 -23.17 9.23
CA ASN A 287 -0.26 -24.59 9.52
C ASN A 287 0.97 -25.48 9.75
N LYS A 288 2.08 -25.15 9.09
CA LYS A 288 3.20 -26.08 8.98
C LYS A 288 4.16 -26.00 10.16
N LYS A 289 4.90 -27.09 10.38
CA LYS A 289 5.83 -27.22 11.51
C LYS A 289 7.12 -26.42 11.31
N GLU A 290 7.44 -26.09 10.06
CA GLU A 290 8.59 -25.25 9.72
C GLU A 290 8.15 -24.01 8.95
N CYS A 291 8.75 -22.87 9.27
CA CYS A 291 8.55 -21.65 8.50
C CYS A 291 9.90 -21.12 8.02
N LEU A 292 10.03 -21.02 6.70
CA LEU A 292 11.25 -20.54 6.07
C LEU A 292 11.14 -19.02 5.89
N PHE A 293 12.04 -18.28 6.54
CA PHE A 293 12.12 -16.83 6.39
C PHE A 293 13.23 -16.51 5.38
N LEU A 294 12.81 -16.15 4.17
CA LEU A 294 13.75 -15.82 3.09
C LEU A 294 13.87 -14.30 3.01
N ASP A 295 15.06 -13.80 3.34
CA ASP A 295 15.31 -12.36 3.50
C ASP A 295 16.35 -11.86 2.51
N THR A 296 16.00 -10.81 1.76
CA THR A 296 16.94 -10.19 0.81
C THR A 296 17.48 -8.87 1.35
N VAL A 297 17.17 -8.58 2.61
CA VAL A 297 17.60 -7.35 3.29
C VAL A 297 18.39 -7.72 4.55
N ASP A 298 19.52 -7.06 4.78
CA ASP A 298 20.34 -7.32 5.96
C ASP A 298 19.58 -7.02 7.26
N LYS A 299 20.03 -7.63 8.35
CA LYS A 299 19.37 -7.53 9.65
C LYS A 299 19.17 -6.09 10.12
N ASN A 300 20.23 -5.28 10.05
CA ASN A 300 20.19 -3.89 10.50
C ASN A 300 20.10 -2.87 9.36
N GLU A 301 20.08 -3.34 8.12
CA GLU A 301 19.93 -2.47 6.95
C GLU A 301 18.53 -1.85 6.95
N PRO A 302 18.43 -0.54 6.63
CA PRO A 302 17.10 0.07 6.55
C PRO A 302 16.23 -0.55 5.46
N GLU A 303 14.94 -0.68 5.74
CA GLU A 303 13.98 -1.30 4.81
C GLU A 303 13.64 -0.39 3.63
N ALA A 304 13.85 0.93 3.78
CA ALA A 304 13.64 1.88 2.68
C ALA A 304 14.59 1.60 1.53
N HIS A 305 14.10 1.82 0.30
CA HIS A 305 14.93 1.58 -0.88
C HIS A 305 16.01 2.66 -0.99
N GLU A 306 17.26 2.22 -1.01
CA GLU A 306 18.41 3.11 -0.95
C GLU A 306 18.56 4.06 -2.16
N ARG A 307 17.94 3.70 -3.28
CA ARG A 307 18.03 4.52 -4.50
C ARG A 307 17.21 5.81 -4.41
N ILE A 308 16.22 5.83 -3.51
CA ILE A 308 15.34 7.00 -3.39
C ILE A 308 16.09 8.14 -2.71
N ASP A 309 16.13 9.30 -3.36
CA ASP A 309 16.73 10.49 -2.78
C ASP A 309 15.69 11.16 -1.88
N GLN A 310 15.76 10.86 -0.58
CA GLN A 310 14.78 11.35 0.39
C GLN A 310 15.14 12.73 0.91
N SER A 311 14.13 13.57 1.13
CA SER A 311 14.32 14.83 1.83
C SER A 311 13.12 15.13 2.72
N VAL A 312 13.30 16.09 3.62
CA VAL A 312 12.24 16.57 4.50
C VAL A 312 12.26 18.10 4.51
N VAL A 313 11.08 18.70 4.41
CA VAL A 313 10.91 20.15 4.43
C VAL A 313 10.05 20.49 5.65
N ILE A 314 10.64 21.23 6.59
CA ILE A 314 10.04 21.49 7.90
C ILE A 314 9.48 22.91 7.97
N SER A 315 8.17 23.03 8.15
CA SER A 315 7.52 24.33 8.30
C SER A 315 7.18 24.59 9.77
N GLU A 316 6.85 25.83 10.10
CA GLU A 316 6.46 26.19 11.46
C GLU A 316 5.05 25.69 11.79
N LYS A 317 4.19 25.63 10.77
CA LYS A 317 2.80 25.24 10.93
C LYS A 317 2.39 24.16 9.94
N PHE A 318 1.47 23.30 10.35
CA PHE A 318 0.98 22.21 9.50
C PHE A 318 0.51 22.75 8.15
N ALA A 319 -0.30 23.79 8.18
CA ALA A 319 -0.91 24.33 6.96
C ALA A 319 0.14 24.83 5.96
N ASN A 320 1.29 25.29 6.47
CA ASN A 320 2.38 25.76 5.61
C ASN A 320 2.95 24.68 4.69
N SER A 321 2.79 23.41 5.07
CA SER A 321 3.18 22.29 4.20
C SER A 321 2.41 22.29 2.88
N ILE A 322 1.18 22.81 2.89
CA ILE A 322 0.39 22.97 1.67
C ILE A 322 1.07 23.94 0.71
N PHE A 323 1.50 25.08 1.23
CA PHE A 323 2.15 26.10 0.41
C PHE A 323 3.52 25.61 -0.09
N ALA A 324 4.26 24.92 0.78
CA ALA A 324 5.56 24.36 0.40
C ALA A 324 5.45 23.37 -0.75
N ALA A 325 4.46 22.49 -0.68
CA ALA A 325 4.21 21.49 -1.72
C ALA A 325 3.80 22.14 -3.05
N VAL A 326 2.96 23.17 -2.96
CA VAL A 326 2.54 23.89 -4.16
C VAL A 326 3.75 24.53 -4.85
N GLU A 327 4.63 25.18 -4.08
CA GLU A 327 5.80 25.83 -4.65
C GLU A 327 6.80 24.81 -5.20
N HIS A 328 6.90 23.66 -4.55
CA HIS A 328 7.76 22.58 -5.01
C HIS A 328 7.26 22.05 -6.36
N ILE A 329 5.97 21.75 -6.45
CA ILE A 329 5.38 21.25 -7.69
C ILE A 329 5.52 22.26 -8.83
N LYS A 330 5.33 23.54 -8.52
CA LYS A 330 5.50 24.61 -9.49
C LYS A 330 6.91 24.60 -10.08
N LYS A 331 7.90 24.45 -9.21
CA LYS A 331 9.31 24.41 -9.61
C LYS A 331 9.64 23.18 -10.46
N GLN A 332 9.11 22.01 -10.09
CA GLN A 332 9.34 20.79 -10.86
C GLN A 332 8.71 20.85 -12.25
N ILE A 333 7.52 21.43 -12.34
CA ILE A 333 6.85 21.59 -13.63
C ILE A 333 7.66 22.50 -14.55
N LYS A 334 8.19 23.59 -14.00
CA LYS A 334 9.02 24.52 -14.77
C LYS A 334 10.34 23.86 -15.20
N GLU A 335 11.06 23.28 -14.25
CA GLU A 335 12.39 22.72 -14.51
C GLU A 335 12.35 21.48 -15.40
N ARG A 336 11.29 20.68 -15.29
CA ARG A 336 11.15 19.47 -16.09
C ARG A 336 10.33 19.70 -17.37
N ASP A 337 9.93 20.94 -17.62
CA ASP A 337 9.13 21.28 -18.81
C ASP A 337 7.86 20.40 -18.87
N SER A 338 7.17 20.31 -17.73
CA SER A 338 5.94 19.52 -17.56
C SER A 338 6.11 18.00 -17.72
N ASN A 339 7.34 17.51 -17.83
CA ASN A 339 7.60 16.07 -17.87
C ASN A 339 7.72 15.59 -16.44
N TYR A 340 6.56 15.54 -15.76
CA TYR A 340 6.51 15.36 -14.32
C TYR A 340 5.39 14.42 -13.92
N LYS A 341 5.76 13.28 -13.36
CA LYS A 341 4.83 12.29 -12.84
C LYS A 341 5.10 12.15 -11.35
N ALA A 342 4.10 12.51 -10.54
CA ALA A 342 4.27 12.54 -9.10
C ALA A 342 3.05 12.01 -8.37
N ILE A 343 3.28 11.49 -7.17
CA ILE A 343 2.20 11.08 -6.28
C ILE A 343 2.33 11.88 -5.00
N ILE A 344 1.23 12.47 -4.55
CA ILE A 344 1.22 13.23 -3.30
C ILE A 344 0.22 12.62 -2.33
N PHE A 345 0.72 12.25 -1.16
CA PHE A 345 -0.05 11.59 -0.11
C PHE A 345 -0.52 12.61 0.92
N ALA A 346 -1.72 12.37 1.46
CA ALA A 346 -2.30 13.21 2.51
C ALA A 346 -2.96 12.35 3.58
N PRO A 347 -3.22 12.92 4.77
CA PRO A 347 -3.67 12.09 5.90
C PRO A 347 -5.11 11.55 5.85
N THR A 348 -6.05 12.33 5.30
CA THR A 348 -7.46 11.96 5.35
C THR A 348 -8.13 12.11 4.00
N VAL A 349 -9.27 11.45 3.83
CA VAL A 349 -10.08 11.55 2.62
C VAL A 349 -10.51 12.99 2.38
N LYS A 350 -11.08 13.64 3.40
CA LYS A 350 -11.56 15.01 3.23
C LYS A 350 -10.42 15.97 2.88
N PHE A 351 -9.25 15.79 3.51
CA PHE A 351 -8.11 16.66 3.20
C PHE A 351 -7.54 16.36 1.81
N THR A 352 -7.53 15.08 1.41
CA THR A 352 -7.10 14.70 0.08
C THR A 352 -7.96 15.39 -0.98
N SER A 353 -9.27 15.36 -0.77
CA SER A 353 -10.21 16.00 -1.69
C SER A 353 -9.97 17.52 -1.75
N PHE A 354 -9.74 18.12 -0.57
CA PHE A 354 -9.39 19.55 -0.47
C PHE A 354 -8.11 19.88 -1.22
N LEU A 355 -7.08 19.05 -0.99
CA LEU A 355 -5.78 19.25 -1.61
C LEU A 355 -5.87 19.15 -3.14
N CYS A 356 -6.72 18.24 -3.60
CA CYS A 356 -6.98 18.09 -5.03
CA CYS A 356 -6.95 18.08 -5.03
C CYS A 356 -7.54 19.36 -5.66
N SER A 357 -8.47 20.00 -4.97
CA SER A 357 -9.04 21.26 -5.46
C SER A 357 -7.97 22.33 -5.61
N ILE A 358 -7.12 22.47 -4.60
CA ILE A 358 -6.02 23.42 -4.65
C ILE A 358 -5.08 23.12 -5.83
N LEU A 359 -4.69 21.86 -5.98
CA LEU A 359 -3.76 21.48 -7.03
C LEU A 359 -4.37 21.63 -8.42
N LYS A 360 -5.68 21.40 -8.57
CA LYS A 360 -6.35 21.66 -9.85
C LYS A 360 -6.34 23.14 -10.20
N ASN A 361 -6.69 23.98 -9.23
CA ASN A 361 -6.64 25.44 -9.43
C ASN A 361 -5.25 25.90 -9.87
N GLU A 362 -4.22 25.38 -9.21
CA GLU A 362 -2.84 25.75 -9.51
C GLU A 362 -2.29 25.14 -10.80
N PHE A 363 -2.59 23.85 -11.03
CA PHE A 363 -1.83 23.05 -12.01
C PHE A 363 -2.60 22.30 -13.10
N LYS A 364 -3.94 22.36 -13.11
CA LYS A 364 -4.73 21.63 -14.12
C LYS A 364 -4.39 22.08 -15.54
N LYS A 365 -3.98 23.34 -15.71
CA LYS A 365 -3.52 23.83 -17.03
C LYS A 365 -2.20 23.17 -17.50
N ASP A 366 -1.41 22.66 -16.55
CA ASP A 366 -0.08 22.07 -16.85
C ASP A 366 -0.07 20.55 -16.86
N LEU A 367 -0.86 19.94 -15.97
CA LEU A 367 -0.85 18.49 -15.81
C LEU A 367 -2.23 18.01 -15.39
N PRO A 368 -2.55 16.74 -15.68
CA PRO A 368 -3.75 16.17 -15.08
C PRO A 368 -3.57 15.93 -13.59
N ILE A 369 -4.62 16.20 -12.83
CA ILE A 369 -4.63 15.97 -11.38
C ILE A 369 -5.69 14.91 -11.09
N LEU A 370 -5.28 13.79 -10.49
CA LEU A 370 -6.17 12.67 -10.26
C LEU A 370 -6.43 12.48 -8.77
N GLU A 371 -7.69 12.25 -8.40
CA GLU A 371 -8.09 12.13 -7.00
C GLU A 371 -8.38 10.67 -6.65
N PHE A 372 -7.63 10.12 -5.71
CA PHE A 372 -7.66 8.69 -5.42
C PHE A 372 -7.77 8.44 -3.91
N HIS A 373 -8.95 7.97 -3.48
CA HIS A 373 -9.17 7.58 -2.08
C HIS A 373 -10.37 6.63 -1.99
N GLY A 374 -10.64 6.15 -0.79
CA GLY A 374 -11.68 5.14 -0.56
C GLY A 374 -13.13 5.57 -0.75
N LYS A 375 -13.39 6.87 -0.92
CA LYS A 375 -14.75 7.34 -1.21
C LYS A 375 -14.98 7.63 -2.70
N ILE A 376 -13.95 7.48 -3.52
CA ILE A 376 -14.12 7.47 -4.98
C ILE A 376 -14.80 6.15 -5.36
N THR A 377 -15.77 6.18 -6.27
CA THR A 377 -16.47 4.95 -6.63
C THR A 377 -15.47 3.95 -7.20
N GLN A 378 -15.75 2.66 -7.04
CA GLN A 378 -14.78 1.65 -7.45
C GLN A 378 -14.52 1.66 -8.96
N ASN A 379 -15.56 1.92 -9.75
CA ASN A 379 -15.39 2.06 -11.20
C ASN A 379 -14.36 3.15 -11.55
N LYS A 380 -14.42 4.28 -10.84
CA LYS A 380 -13.51 5.40 -11.07
C LYS A 380 -12.12 5.15 -10.52
N ARG A 381 -12.03 4.48 -9.38
CA ARG A 381 -10.74 4.06 -8.82
C ARG A 381 -9.99 3.20 -9.85
N THR A 382 -10.67 2.21 -10.39
CA THR A 382 -10.06 1.31 -11.37
C THR A 382 -9.67 2.05 -12.67
N SER A 383 -10.53 2.94 -13.15
CA SER A 383 -10.22 3.68 -14.38
C SER A 383 -9.04 4.63 -14.18
N LEU A 384 -8.99 5.32 -13.03
CA LEU A 384 -7.88 6.24 -12.78
C LEU A 384 -6.56 5.51 -12.55
N VAL A 385 -6.61 4.31 -11.97
CA VAL A 385 -5.39 3.49 -11.81
C VAL A 385 -4.85 3.09 -13.19
N LYS A 386 -5.74 2.62 -14.06
CA LYS A 386 -5.37 2.28 -15.44
C LYS A 386 -4.73 3.46 -16.15
N ARG A 387 -5.35 4.63 -16.05
CA ARG A 387 -4.80 5.84 -16.67
C ARG A 387 -3.43 6.22 -16.11
N PHE A 388 -3.29 6.28 -14.79
CA PHE A 388 -2.03 6.73 -14.17
C PHE A 388 -0.90 5.74 -14.39
N LYS A 389 -1.22 4.46 -14.58
CA LYS A 389 -0.21 3.49 -14.97
C LYS A 389 0.41 3.84 -16.33
N LYS A 390 -0.42 4.23 -17.29
CA LYS A 390 0.03 4.49 -18.67
C LYS A 390 0.60 5.89 -18.89
N ASP A 391 0.11 6.86 -18.13
CA ASP A 391 0.47 8.27 -18.38
C ASP A 391 1.94 8.57 -18.06
N GLU A 392 2.51 9.42 -18.91
CA GLU A 392 3.90 9.86 -18.79
C GLU A 392 4.07 10.91 -17.69
N SER A 393 2.96 11.60 -17.37
CA SER A 393 2.99 12.72 -16.44
C SER A 393 1.65 12.86 -15.77
N GLY A 394 1.61 13.68 -14.72
CA GLY A 394 0.39 13.93 -13.97
C GLY A 394 0.65 13.82 -12.48
N ILE A 395 -0.33 14.24 -11.69
CA ILE A 395 -0.22 14.19 -10.25
C ILE A 395 -1.36 13.36 -9.69
N LEU A 396 -0.99 12.30 -8.99
CA LEU A 396 -1.94 11.46 -8.28
C LEU A 396 -1.99 11.94 -6.84
N VAL A 397 -3.17 12.37 -6.40
CA VAL A 397 -3.37 12.85 -5.04
C VAL A 397 -4.17 11.81 -4.27
N CYS A 398 -3.60 11.27 -3.20
CA CYS A 398 -4.22 10.13 -2.54
C CYS A 398 -3.96 9.99 -1.05
N THR A 399 -4.79 9.16 -0.43
CA THR A 399 -4.62 8.68 0.92
C THR A 399 -3.72 7.44 0.88
N ASP A 400 -3.49 6.83 2.03
CA ASP A 400 -2.77 5.55 2.07
C ASP A 400 -3.46 4.38 1.37
N VAL A 401 -4.67 4.56 0.84
CA VAL A 401 -5.21 3.56 -0.07
C VAL A 401 -4.18 3.23 -1.16
N GLY A 402 -3.37 4.22 -1.55
CA GLY A 402 -2.31 4.02 -2.54
C GLY A 402 -0.89 3.87 -2.02
N ALA A 403 -0.71 3.69 -0.72
CA ALA A 403 0.64 3.61 -0.13
C ALA A 403 1.38 2.33 -0.49
N ARG A 404 0.66 1.21 -0.51
CA ARG A 404 1.24 -0.12 -0.66
C ARG A 404 0.85 -0.79 -1.98
N GLY A 405 1.80 -1.49 -2.58
CA GLY A 405 1.52 -2.42 -3.67
C GLY A 405 1.38 -1.81 -5.05
N MET A 406 0.75 -0.64 -5.14
CA MET A 406 0.40 -0.09 -6.45
C MET A 406 1.65 0.27 -7.26
N ASP A 407 1.68 -0.20 -8.50
CA ASP A 407 2.84 -0.08 -9.37
C ASP A 407 2.48 0.81 -10.55
N PHE A 408 2.84 2.09 -10.42
CA PHE A 408 2.68 3.07 -11.48
C PHE A 408 4.07 3.34 -12.05
N PRO A 409 4.34 2.85 -13.27
CA PRO A 409 5.70 2.97 -13.79
C PRO A 409 6.18 4.42 -13.93
N ASN A 410 7.47 4.62 -13.62
CA ASN A 410 8.16 5.87 -13.93
C ASN A 410 7.61 7.11 -13.22
N VAL A 411 7.16 6.93 -11.98
CA VAL A 411 6.87 8.06 -11.11
C VAL A 411 8.21 8.70 -10.73
N HIS A 412 8.31 10.02 -10.93
CA HIS A 412 9.55 10.76 -10.66
C HIS A 412 9.71 11.07 -9.18
N GLU A 413 8.62 11.50 -8.54
CA GLU A 413 8.65 11.93 -7.15
C GLU A 413 7.43 11.47 -6.35
N VAL A 414 7.68 11.12 -5.09
CA VAL A 414 6.62 10.96 -4.09
C VAL A 414 6.67 12.14 -3.13
N LEU A 415 5.52 12.78 -2.91
CA LEU A 415 5.40 13.87 -1.98
C LEU A 415 4.45 13.45 -0.87
N GLN A 416 4.70 13.94 0.34
CA GLN A 416 3.81 13.67 1.47
C GLN A 416 3.52 14.95 2.22
N ILE A 417 2.25 15.26 2.40
CA ILE A 417 1.87 16.32 3.31
C ILE A 417 1.44 15.66 4.61
N GLY A 418 2.22 15.88 5.66
CA GLY A 418 1.99 15.24 6.94
C GLY A 418 2.44 13.78 6.96
N VAL A 419 2.07 13.10 8.04
CA VAL A 419 2.56 11.76 8.32
C VAL A 419 1.64 10.67 7.75
N PRO A 420 2.21 9.49 7.48
CA PRO A 420 1.40 8.36 7.04
C PRO A 420 0.54 7.78 8.16
N SER A 421 -0.38 6.88 7.81
CA SER A 421 -1.30 6.28 8.77
C SER A 421 -0.62 5.28 9.72
N GLU A 422 0.57 4.81 9.33
CA GLU A 422 1.38 3.93 10.17
C GLU A 422 2.85 4.09 9.75
N LEU A 423 3.76 3.80 10.67
CA LEU A 423 5.20 4.02 10.43
C LEU A 423 5.70 3.30 9.19
N ALA A 424 5.29 2.03 9.02
CA ALA A 424 5.71 1.23 7.87
C ALA A 424 5.31 1.86 6.54
N ASN A 425 4.21 2.61 6.52
CA ASN A 425 3.75 3.23 5.28
C ASN A 425 4.63 4.39 4.79
N TYR A 426 5.55 4.88 5.63
CA TYR A 426 6.57 5.79 5.12
C TYR A 426 7.38 5.08 4.04
N ILE A 427 7.81 3.85 4.35
CA ILE A 427 8.64 3.06 3.46
C ILE A 427 7.91 2.72 2.16
N HIS A 428 6.63 2.34 2.28
CA HIS A 428 5.83 1.99 1.11
C HIS A 428 5.47 3.21 0.27
N ARG A 429 5.05 4.30 0.92
CA ARG A 429 4.76 5.56 0.22
C ARG A 429 5.91 5.97 -0.71
N ILE A 430 7.11 6.15 -0.15
CA ILE A 430 8.25 6.59 -0.96
C ILE A 430 8.62 5.53 -2.00
N GLY A 431 8.31 4.28 -1.68
CA GLY A 431 8.51 3.16 -2.60
C GLY A 431 7.59 3.14 -3.82
N ARG A 432 6.66 4.09 -3.95
CA ARG A 432 5.91 4.22 -5.19
C ARG A 432 6.82 4.69 -6.33
N THR A 433 7.95 5.31 -5.99
CA THR A 433 8.98 5.67 -6.98
C THR A 433 10.18 4.75 -6.84
N ALA A 434 11.15 4.90 -7.76
CA ALA A 434 12.36 4.06 -7.78
C ALA A 434 12.04 2.56 -7.83
N ARG A 435 11.12 2.18 -8.71
CA ARG A 435 10.72 0.79 -8.88
C ARG A 435 11.38 0.20 -10.13
N SER A 436 11.53 -1.12 -10.14
CA SER A 436 12.10 -1.86 -11.27
CA SER A 436 12.09 -1.85 -11.29
C SER A 436 13.36 -1.17 -11.82
N GLY A 437 14.32 -0.92 -10.92
CA GLY A 437 15.61 -0.35 -11.30
C GLY A 437 15.66 1.11 -11.67
N LYS A 438 14.54 1.83 -11.59
CA LYS A 438 14.50 3.25 -11.96
C LYS A 438 14.94 4.14 -10.79
N GLU A 439 15.23 5.40 -11.10
CA GLU A 439 15.57 6.40 -10.08
C GLU A 439 14.29 6.98 -9.47
N GLY A 440 14.43 7.70 -8.37
CA GLY A 440 13.30 8.39 -7.75
C GLY A 440 13.69 9.29 -6.61
N SER A 441 12.83 10.25 -6.29
CA SER A 441 13.01 11.13 -5.15
C SER A 441 11.74 11.21 -4.32
N SER A 442 11.90 11.61 -3.06
CA SER A 442 10.77 11.79 -2.17
C SER A 442 10.97 13.01 -1.27
N VAL A 443 9.89 13.74 -1.01
CA VAL A 443 9.92 14.90 -0.13
C VAL A 443 8.82 14.77 0.91
N LEU A 444 9.21 14.84 2.17
CA LEU A 444 8.28 14.84 3.29
C LEU A 444 8.05 16.27 3.77
N PHE A 445 6.82 16.77 3.63
CA PHE A 445 6.46 18.11 4.12
C PHE A 445 5.74 18.00 5.45
N ILE A 446 6.42 18.43 6.52
CA ILE A 446 5.85 18.37 7.86
C ILE A 446 6.07 19.68 8.60
N CYS A 447 5.35 19.85 9.71
CA CYS A 447 5.61 20.98 10.60
C CYS A 447 6.48 20.54 11.79
N LYS A 448 6.95 21.51 12.57
CA LYS A 448 7.88 21.24 13.67
C LYS A 448 7.30 20.25 14.68
N ASP A 449 6.01 20.38 14.98
CA ASP A 449 5.36 19.52 15.95
C ASP A 449 5.21 18.07 15.49
N GLU A 450 5.48 17.81 14.20
CA GLU A 450 5.52 16.43 13.67
C GLU A 450 6.93 15.84 13.67
N LEU A 451 7.94 16.60 14.10
CA LEU A 451 9.34 16.11 14.07
C LEU A 451 9.59 14.79 14.82
N PRO A 452 8.84 14.50 15.90
CA PRO A 452 9.04 13.20 16.57
C PRO A 452 8.79 11.98 15.67
N PHE A 453 7.99 12.15 14.61
CA PHE A 453 7.86 11.12 13.57
C PHE A 453 9.18 10.82 12.89
N VAL A 454 9.91 11.86 12.52
CA VAL A 454 11.20 11.71 11.85
C VAL A 454 12.20 11.01 12.79
N ARG A 455 12.15 11.35 14.08
CA ARG A 455 12.98 10.68 15.08
C ARG A 455 12.60 9.21 15.26
N GLU A 456 11.31 8.90 15.18
CA GLU A 456 10.86 7.52 15.34
C GLU A 456 11.32 6.66 14.15
N LEU A 457 11.32 7.24 12.95
CA LEU A 457 11.89 6.57 11.77
C LEU A 457 13.35 6.16 12.01
N GLU A 458 14.14 7.04 12.62
CA GLU A 458 15.53 6.74 12.95
C GLU A 458 15.62 5.62 13.99
N ASP A 459 14.93 5.82 15.11
CA ASP A 459 15.02 4.90 16.25
C ASP A 459 14.44 3.51 15.94
N ALA A 460 13.26 3.48 15.32
CA ALA A 460 12.55 2.22 15.08
C ALA A 460 13.02 1.52 13.80
N LYS A 461 13.31 2.27 12.75
CA LYS A 461 13.58 1.68 11.43
C LYS A 461 14.98 1.98 10.85
N ASN A 462 15.80 2.74 11.58
CA ASN A 462 17.14 3.09 11.11
C ASN A 462 17.10 3.91 9.80
N ILE A 463 16.02 4.66 9.62
CA ILE A 463 15.88 5.53 8.45
C ILE A 463 16.28 6.95 8.83
N VAL A 464 17.40 7.41 8.27
CA VAL A 464 17.94 8.74 8.57
C VAL A 464 17.94 9.58 7.28
N ILE A 465 17.12 10.62 7.26
CA ILE A 465 16.94 11.45 6.08
C ILE A 465 17.98 12.56 6.09
N ALA A 466 18.97 12.45 5.20
CA ALA A 466 20.12 13.34 5.18
C ALA A 466 19.74 14.79 4.82
N LYS A 467 18.90 14.95 3.81
CA LYS A 467 18.51 16.27 3.34
C LYS A 467 17.31 16.80 4.12
N GLN A 468 17.54 17.80 4.98
CA GLN A 468 16.48 18.45 5.75
C GLN A 468 16.61 19.96 5.60
N GLU A 469 15.49 20.64 5.35
CA GLU A 469 15.49 22.10 5.19
C GLU A 469 14.23 22.74 5.77
N LYS A 470 14.32 24.03 6.06
CA LYS A 470 13.20 24.81 6.60
C LYS A 470 12.42 25.47 5.48
N TYR A 471 11.17 25.83 5.75
CA TYR A 471 10.33 26.56 4.81
C TYR A 471 9.45 27.56 5.55
N GLU A 472 9.37 28.77 5.00
CA GLU A 472 8.41 29.77 5.46
C GLU A 472 7.73 30.38 4.23
N PRO A 473 6.39 30.35 4.17
CA PRO A 473 5.69 30.84 2.99
C PRO A 473 5.66 32.35 2.88
N SER A 474 5.83 32.88 1.67
CA SER A 474 5.64 34.29 1.41
C SER A 474 4.16 34.62 1.53
N GLU A 475 3.83 35.88 1.76
CA GLU A 475 2.43 36.32 1.73
C GLU A 475 1.83 36.13 0.33
N GLU A 476 2.67 36.17 -0.70
CA GLU A 476 2.21 36.02 -2.09
C GLU A 476 1.64 34.63 -2.38
N ILE A 477 2.36 33.59 -1.96
CA ILE A 477 1.89 32.21 -2.18
C ILE A 477 0.63 31.93 -1.35
N LYS A 478 0.58 32.47 -0.14
CA LYS A 478 -0.60 32.29 0.72
C LYS A 478 -1.85 32.88 0.07
N SER A 479 -1.76 34.10 -0.42
CA SER A 479 -2.87 34.73 -1.12
C SER A 479 -3.26 33.96 -2.37
N GLU A 480 -2.27 33.56 -3.15
CA GLU A 480 -2.53 32.82 -4.39
C GLU A 480 -3.31 31.53 -4.12
N VAL A 481 -2.88 30.77 -3.12
CA VAL A 481 -3.53 29.50 -2.78
C VAL A 481 -4.92 29.73 -2.17
N LEU A 482 -5.01 30.60 -1.17
CA LEU A 482 -6.24 30.81 -0.42
C LEU A 482 -7.38 31.45 -1.21
N GLU A 483 -7.06 32.38 -2.11
CA GLU A 483 -8.11 33.13 -2.82
C GLU A 483 -8.93 32.26 -3.77
N ALA A 484 -8.30 31.19 -4.26
CA ALA A 484 -8.97 30.26 -5.18
C ALA A 484 -9.81 29.20 -4.46
N VAL A 485 -9.65 29.10 -3.13
CA VAL A 485 -10.39 28.12 -2.33
C VAL A 485 -11.87 28.48 -2.30
N THR A 486 -12.72 27.57 -2.78
CA THR A 486 -14.16 27.80 -2.85
C THR A 486 -14.95 27.13 -1.72
N GLU A 487 -14.26 26.38 -0.86
CA GLU A 487 -14.91 25.69 0.26
C GLU A 487 -15.52 26.67 1.27
N GLU A 488 -16.70 26.35 1.77
CA GLU A 488 -17.33 27.13 2.84
C GLU A 488 -16.62 26.87 4.17
N PRO A 489 -16.82 27.77 5.17
CA PRO A 489 -16.26 27.57 6.50
C PRO A 489 -16.63 26.21 7.12
N GLU A 490 -17.88 25.80 6.93
CA GLU A 490 -18.35 24.49 7.42
C GLU A 490 -17.56 23.34 6.79
N ASP A 491 -17.23 23.46 5.51
CA ASP A 491 -16.40 22.45 4.82
C ASP A 491 -14.99 22.45 5.38
N ILE A 492 -14.43 23.64 5.61
CA ILE A 492 -13.09 23.77 6.18
C ILE A 492 -13.04 23.15 7.57
N SER A 493 -14.09 23.38 8.36
CA SER A 493 -14.22 22.76 9.68
C SER A 493 -14.19 21.23 9.58
N ASP A 494 -14.98 20.67 8.67
CA ASP A 494 -15.02 19.21 8.44
C ASP A 494 -13.64 18.67 8.11
N ILE A 495 -12.93 19.36 7.22
CA ILE A 495 -11.59 18.97 6.80
C ILE A 495 -10.61 18.96 7.96
N VAL A 496 -10.55 20.05 8.71
CA VAL A 496 -9.60 20.18 9.82
C VAL A 496 -9.94 19.20 10.94
N ILE A 497 -11.22 19.00 11.21
CA ILE A 497 -11.66 18.03 12.21
C ILE A 497 -11.20 16.61 11.83
N SER A 498 -11.29 16.26 10.55
CA SER A 498 -10.76 14.96 10.08
C SER A 498 -9.25 14.84 10.37
N LEU A 499 -8.51 15.93 10.21
CA LEU A 499 -7.08 15.95 10.54
C LEU A 499 -6.83 15.80 12.04
N ILE A 500 -7.62 16.49 12.85
CA ILE A 500 -7.52 16.35 14.31
C ILE A 500 -7.67 14.88 14.71
N SER A 501 -8.69 14.21 14.16
CA SER A 501 -8.95 12.81 14.46
C SER A 501 -7.82 11.88 13.99
N SER A 502 -7.29 12.11 12.78
CA SER A 502 -6.19 11.27 12.28
C SER A 502 -4.92 11.47 13.10
N TYR A 503 -4.62 12.71 13.46
CA TYR A 503 -3.42 12.97 14.27
C TYR A 503 -3.59 12.45 15.70
N ARG A 504 -4.80 12.53 16.25
CA ARG A 504 -5.06 12.04 17.60
C ARG A 504 -4.77 10.54 17.68
N SER A 505 -5.07 9.80 16.60
CA SER A 505 -4.90 8.35 16.59
C SER A 505 -3.45 7.87 16.46
N CYS A 506 -2.51 8.75 16.08
CA CYS A 506 -1.10 8.36 15.96
C CYS A 506 -0.14 9.08 16.93
N ILE A 507 -0.70 9.80 17.90
CA ILE A 507 0.10 10.49 18.93
C ILE A 507 1.06 9.53 19.63
N LYS A 508 0.53 8.40 20.10
CA LYS A 508 1.35 7.41 20.80
C LYS A 508 2.41 6.79 19.89
N GLU A 509 2.00 6.30 18.72
CA GLU A 509 2.90 5.64 17.78
C GLU A 509 4.08 6.52 17.34
N TYR A 510 3.80 7.80 17.12
CA TYR A 510 4.82 8.74 16.64
C TYR A 510 5.40 9.62 17.76
N ARG A 511 4.94 9.40 19.00
CA ARG A 511 5.47 10.10 20.18
C ARG A 511 5.29 11.62 20.07
N PHE A 512 4.14 12.05 19.57
CA PHE A 512 3.82 13.46 19.52
C PHE A 512 3.51 13.98 20.91
N SER A 513 3.64 15.29 21.07
CA SER A 513 3.14 15.97 22.27
C SER A 513 1.71 16.42 21.97
N GLU A 514 0.73 15.75 22.59
CA GLU A 514 -0.68 16.06 22.38
C GLU A 514 -0.99 17.55 22.55
N ARG A 515 -0.46 18.16 23.60
CA ARG A 515 -0.70 19.57 23.89
C ARG A 515 -0.16 20.54 22.84
N ARG A 516 0.77 20.08 22.00
CA ARG A 516 1.29 20.90 20.91
C ARG A 516 0.72 20.51 19.55
N ILE A 517 0.67 19.22 19.23
CA ILE A 517 0.25 18.79 17.90
C ILE A 517 -1.23 19.07 17.63
N LEU A 518 -2.09 18.83 18.60
CA LEU A 518 -3.54 18.99 18.36
C LEU A 518 -3.95 20.46 18.18
N PRO A 519 -3.46 21.38 19.04
CA PRO A 519 -3.76 22.79 18.76
C PRO A 519 -3.19 23.28 17.43
N GLU A 520 -2.01 22.80 17.05
CA GLU A 520 -1.40 23.17 15.78
C GLU A 520 -2.23 22.69 14.59
N ILE A 521 -2.67 21.43 14.62
CA ILE A 521 -3.52 20.91 13.54
C ILE A 521 -4.83 21.71 13.48
N ALA A 522 -5.44 21.94 14.64
CA ALA A 522 -6.69 22.70 14.73
C ALA A 522 -6.58 24.11 14.14
N SER A 523 -5.42 24.74 14.36
CA SER A 523 -5.19 26.13 13.92
C SER A 523 -5.20 26.28 12.40
N THR A 524 -5.09 25.16 11.68
CA THR A 524 -5.24 25.13 10.23
C THR A 524 -6.54 25.81 9.78
N TYR A 525 -7.59 25.68 10.58
CA TYR A 525 -8.88 26.33 10.29
C TYR A 525 -8.70 27.83 10.12
N GLY A 526 -8.08 28.47 11.11
CA GLY A 526 -7.81 29.91 11.06
C GLY A 526 -6.87 30.31 9.93
N VAL A 527 -5.86 29.50 9.67
CA VAL A 527 -4.93 29.80 8.57
C VAL A 527 -5.67 29.80 7.23
N LEU A 528 -6.48 28.77 7.00
CA LEU A 528 -7.22 28.64 5.73
C LEU A 528 -8.31 29.71 5.55
N LEU A 529 -8.88 30.20 6.65
CA LEU A 529 -9.82 31.33 6.60
C LEU A 529 -9.13 32.69 6.77
N ASN A 530 -7.79 32.70 6.76
CA ASN A 530 -6.99 33.91 6.82
C ASN A 530 -7.23 34.76 8.09
N ASP A 531 -7.42 34.09 9.22
CA ASP A 531 -7.60 34.75 10.51
C ASP A 531 -7.03 33.84 11.61
N PRO A 532 -5.74 34.04 11.96
CA PRO A 532 -5.01 33.13 12.86
C PRO A 532 -5.49 33.06 14.33
N GLN A 533 -6.34 33.98 14.78
CA GLN A 533 -6.91 33.88 16.13
C GLN A 533 -8.30 33.22 16.13
N LEU A 534 -8.84 32.97 14.96
CA LEU A 534 -10.14 32.31 14.83
C LEU A 534 -10.01 30.83 15.22
N LYS A 535 -10.85 30.38 16.14
CA LYS A 535 -10.90 28.97 16.55
C LYS A 535 -12.09 28.29 15.88
N ILE A 536 -12.10 26.95 15.92
CA ILE A 536 -13.14 26.17 15.25
C ILE A 536 -14.42 26.21 16.07
N PRO A 537 -15.52 26.74 15.48
CA PRO A 537 -16.76 26.83 16.23
C PRO A 537 -17.46 25.48 16.37
N VAL A 538 -17.74 25.07 17.60
CA VAL A 538 -18.39 23.78 17.87
C VAL A 538 -19.40 23.88 19.01
N SER A 539 -20.19 22.83 19.21
CA SER A 539 -21.18 22.77 20.28
C SER A 539 -20.58 22.09 21.51
N ARG A 540 -21.26 22.21 22.64
CA ARG A 540 -20.82 21.61 23.89
C ARG A 540 -20.85 20.08 23.83
N ARG A 541 -21.91 19.53 23.25
CA ARG A 541 -22.06 18.08 23.14
C ARG A 541 -21.01 17.45 22.22
N PHE A 542 -20.57 18.19 21.20
CA PHE A 542 -19.50 17.73 20.33
C PHE A 542 -18.17 17.67 21.08
N LEU A 543 -17.89 18.70 21.87
CA LEU A 543 -16.69 18.73 22.71
C LEU A 543 -16.71 17.57 23.73
N ASP A 544 -17.89 17.26 24.27
CA ASP A 544 -18.07 16.11 25.17
C ASP A 544 -17.77 14.77 24.49
N LYS A 545 -18.20 14.61 23.23
CA LYS A 545 -17.91 13.40 22.47
C LYS A 545 -16.40 13.20 22.25
N LEU A 546 -15.69 14.31 22.01
CA LEU A 546 -14.23 14.26 21.88
C LEU A 546 -13.52 14.06 23.23
N GLY A 547 -14.23 14.33 24.33
CA GLY A 547 -13.68 14.15 25.68
C GLY A 547 -12.70 15.24 26.06
N LEU A 548 -13.00 16.47 25.66
CA LEU A 548 -12.10 17.60 25.86
C LEU A 548 -12.78 18.81 26.50
N SER A 549 -13.91 18.59 27.17
CA SER A 549 -14.66 19.70 27.76
C SER A 549 -14.04 20.28 29.03
N ARG A 550 -13.08 19.56 29.62
CA ARG A 550 -12.31 20.07 30.76
C ARG A 550 -10.84 20.32 30.43
N SER A 551 -10.46 20.09 29.17
CA SER A 551 -9.06 20.13 28.77
C SER A 551 -8.63 21.53 28.32
N PRO A 552 -7.42 21.96 28.72
CA PRO A 552 -6.88 23.21 28.18
C PRO A 552 -6.48 23.06 26.70
N ILE A 553 -6.21 21.82 26.29
CA ILE A 553 -5.92 21.51 24.88
C ILE A 553 -7.17 21.80 24.06
N GLY A 554 -8.33 21.37 24.58
CA GLY A 554 -9.62 21.60 23.94
C GLY A 554 -10.01 23.08 23.83
N LYS A 555 -9.74 23.84 24.90
CA LYS A 555 -9.99 25.28 24.91
C LYS A 555 -9.16 26.03 23.85
N ALA A 556 -7.96 25.52 23.56
CA ALA A 556 -7.08 26.14 22.56
C ALA A 556 -7.52 25.85 21.12
N MET A 557 -8.27 24.77 20.92
CA MET A 557 -8.65 24.30 19.59
C MET A 557 -10.03 24.80 19.16
N PHE A 558 -10.95 24.89 20.11
CA PHE A 558 -12.37 25.13 19.81
C PHE A 558 -12.95 26.34 20.53
N GLU A 559 -13.95 26.95 19.91
CA GLU A 559 -14.78 27.98 20.55
C GLU A 559 -16.21 27.44 20.64
N ILE A 560 -16.76 27.39 21.85
CA ILE A 560 -18.11 26.87 22.07
C ILE A 560 -19.15 27.88 21.59
N ARG A 561 -19.34 27.94 20.27
CA ARG A 561 -20.35 28.77 19.65
C ARG A 561 -21.63 27.93 19.49
N ASP A 562 -22.29 27.67 20.62
CA ASP A 562 -23.51 26.86 20.65
C ASP A 562 -24.73 27.74 20.45
#